data_5WUM
#
_entry.id   5WUM
#
_cell.length_a   77.910
_cell.length_b   90.300
_cell.length_c   99.630
_cell.angle_alpha   90.000
_cell.angle_beta   90.000
_cell.angle_gamma   90.000
#
_symmetry.space_group_name_H-M   'P 21 21 21'
#
loop_
_entity.id
_entity.type
_entity.pdbx_description
1 polymer 'Importin subunit alpha-1'
2 polymer 'Epstein-Barr nuclear antigen 1'
3 water water
#
loop_
_entity_poly.entity_id
_entity_poly.type
_entity_poly.pdbx_seq_one_letter_code
_entity_poly.pdbx_strand_id
1 'polypeptide(L)'
;NQGTVNWSVEDIVKGINSNNLESQLQATQAARKLLSREKQPPIDNIIRAGLIPKFVSFLGKTDCSPIQFESAWALTNIAS
GTSEQTKAVVDGGAIPAFISLLASPHAHISEQAVWALGNIAGDGSAFRDLVIKHGAIDPLLALLAVPDLSTLACGYLRNL
TWTLSNLCRNKNPAPPLDAVEQILPTLVRLLHHNDPEVLADSCWAISYLTDGPNERIEMVVKKGVVPQLVKLLGATELPI
VTPALRAIGNIVTGTDEQTQKVIDAGALAVFPSLLTNPKTNIQKEATWTMSNITAGRQDQIQQVVNHGLVPFLVGVLSKA
DFKTQKEAAWAITNYTSGGTVEQIVYLVHCGIIEPLMNLLSAKDTKIIQVILDAISNIFQAAEKLGETEKLSIMIEECGG
LDKIEALQRHENESVYKASLNLIEKYFSVEEEEDQNVVPETTSEGFAFQVQDGAPGTFNF
;
A
2 'polypeptide(L)' EKRPRSP(SEP)S B,C
#
# COMPACT_ATOMS: atom_id res chain seq x y z
N GLY A 3 -15.36 -19.37 -35.56
CA GLY A 3 -15.87 -20.69 -35.26
C GLY A 3 -15.42 -21.24 -33.92
N THR A 4 -14.69 -20.41 -33.17
CA THR A 4 -14.22 -20.79 -31.83
C THR A 4 -15.01 -20.08 -30.73
N VAL A 5 -16.22 -19.61 -31.02
CA VAL A 5 -17.04 -18.92 -30.05
C VAL A 5 -17.98 -19.92 -29.39
N ASN A 6 -18.01 -19.90 -28.06
CA ASN A 6 -19.00 -20.64 -27.26
C ASN A 6 -18.92 -22.14 -27.50
N TRP A 7 -17.71 -22.68 -27.45
CA TRP A 7 -17.57 -24.13 -27.42
C TRP A 7 -17.96 -24.66 -26.04
N SER A 8 -18.37 -25.92 -26.02
CA SER A 8 -18.46 -26.61 -24.75
C SER A 8 -17.07 -27.04 -24.30
N VAL A 9 -16.93 -27.29 -23.00
CA VAL A 9 -15.67 -27.83 -22.51
C VAL A 9 -15.39 -29.19 -23.15
N GLU A 10 -16.45 -29.98 -23.36
CA GLU A 10 -16.30 -31.29 -23.97
C GLU A 10 -15.69 -31.19 -25.37
N ASP A 11 -16.15 -30.23 -26.18
CA ASP A 11 -15.59 -30.04 -27.51
C ASP A 11 -14.14 -29.59 -27.43
N ILE A 12 -13.82 -28.72 -26.48
CA ILE A 12 -12.44 -28.26 -26.30
C ILE A 12 -11.53 -29.44 -25.98
N VAL A 13 -11.98 -30.33 -25.08
CA VAL A 13 -11.21 -31.52 -24.75
C VAL A 13 -11.00 -32.39 -25.99
N LYS A 14 -12.06 -32.53 -26.79
CA LYS A 14 -11.97 -33.37 -27.99
C LYS A 14 -10.91 -32.84 -28.95
N GLY A 15 -10.89 -31.53 -29.16
CA GLY A 15 -9.90 -30.96 -30.06
C GLY A 15 -8.49 -31.02 -29.52
N ILE A 16 -8.33 -30.80 -28.23
CA ILE A 16 -7.00 -30.80 -27.64
C ILE A 16 -6.42 -32.21 -27.61
N ASN A 17 -7.27 -33.23 -27.44
CA ASN A 17 -6.83 -34.62 -27.45
C ASN A 17 -6.67 -35.18 -28.85
N SER A 18 -6.90 -34.37 -29.89
CA SER A 18 -6.96 -34.89 -31.25
C SER A 18 -5.59 -35.24 -31.82
N ASN A 19 -4.52 -34.67 -31.27
CA ASN A 19 -3.16 -34.82 -31.81
C ASN A 19 -3.05 -34.28 -33.23
N ASN A 20 -3.97 -33.39 -33.61
CA ASN A 20 -3.86 -32.57 -34.81
C ASN A 20 -3.53 -31.16 -34.32
N LEU A 21 -2.32 -30.69 -34.64
CA LEU A 21 -1.84 -29.43 -34.09
C LEU A 21 -2.80 -28.28 -34.37
N GLU A 22 -3.40 -28.25 -35.56
CA GLU A 22 -4.33 -27.17 -35.88
C GLU A 22 -5.65 -27.35 -35.15
N SER A 23 -6.11 -28.60 -35.03
CA SER A 23 -7.27 -28.89 -34.18
C SER A 23 -6.98 -28.57 -32.72
N GLN A 24 -5.73 -28.74 -32.28
CA GLN A 24 -5.39 -28.36 -30.92
C GLN A 24 -5.38 -26.85 -30.78
N LEU A 25 -4.84 -26.15 -31.78
CA LEU A 25 -4.76 -24.69 -31.73
C LEU A 25 -6.14 -24.07 -31.66
N GLN A 26 -7.07 -24.60 -32.43
CA GLN A 26 -8.39 -23.99 -32.46
C GLN A 26 -9.16 -24.28 -31.17
N ALA A 27 -9.01 -25.48 -30.62
CA ALA A 27 -9.66 -25.79 -29.34
C ALA A 27 -9.08 -24.94 -28.22
N THR A 28 -7.77 -24.69 -28.26
CA THR A 28 -7.13 -23.83 -27.27
C THR A 28 -7.63 -22.40 -27.38
N GLN A 29 -7.76 -21.88 -28.60
CA GLN A 29 -8.33 -20.55 -28.78
C GLN A 29 -9.77 -20.50 -28.27
N ALA A 30 -10.55 -21.55 -28.55
CA ALA A 30 -11.91 -21.63 -28.01
C ALA A 30 -11.89 -21.61 -26.48
N ALA A 31 -10.91 -22.28 -25.86
CA ALA A 31 -10.77 -22.23 -24.41
C ALA A 31 -10.41 -20.81 -23.95
N ARG A 32 -9.52 -20.14 -24.67
CA ARG A 32 -9.16 -18.78 -24.33
C ARG A 32 -10.37 -17.85 -24.35
N LYS A 33 -11.22 -17.99 -25.37
CA LYS A 33 -12.40 -17.14 -25.47
C LYS A 33 -13.40 -17.47 -24.36
N LEU A 34 -13.53 -18.75 -24.01
CA LEU A 34 -14.34 -19.14 -22.86
C LEU A 34 -13.84 -18.46 -21.58
N LEU A 35 -12.53 -18.52 -21.36
CA LEU A 35 -11.93 -17.96 -20.15
C LEU A 35 -11.85 -16.44 -20.16
N SER A 36 -12.18 -15.80 -21.27
CA SER A 36 -12.12 -14.35 -21.39
C SER A 36 -13.46 -13.68 -21.15
N ARG A 37 -14.52 -14.44 -20.89
CA ARG A 37 -15.84 -13.85 -20.69
C ARG A 37 -16.00 -13.36 -19.25
N GLU A 38 -16.60 -12.16 -19.12
CA GLU A 38 -16.86 -11.61 -17.80
C GLU A 38 -17.76 -12.53 -16.98
N LYS A 39 -18.90 -12.92 -17.56
CA LYS A 39 -19.86 -13.75 -16.84
C LYS A 39 -19.27 -15.13 -16.57
N GLN A 40 -19.01 -15.42 -15.29
CA GLN A 40 -18.62 -16.68 -14.69
C GLN A 40 -17.85 -17.61 -15.63
N PRO A 41 -16.61 -17.30 -15.97
CA PRO A 41 -15.83 -18.16 -16.86
C PRO A 41 -15.63 -19.53 -16.24
N PRO A 42 -15.83 -20.60 -16.99
CA PRO A 42 -15.78 -21.95 -16.41
C PRO A 42 -14.36 -22.39 -16.09
N ILE A 43 -13.70 -21.68 -15.18
CA ILE A 43 -12.30 -21.98 -14.85
C ILE A 43 -12.19 -23.38 -14.25
N ASP A 44 -13.04 -23.68 -13.27
CA ASP A 44 -12.95 -24.96 -12.57
C ASP A 44 -13.27 -26.12 -13.51
N ASN A 45 -14.23 -25.93 -14.42
CA ASN A 45 -14.55 -26.98 -15.38
C ASN A 45 -13.38 -27.24 -16.31
N ILE A 46 -12.67 -26.19 -16.71
CA ILE A 46 -11.46 -26.36 -17.53
C ILE A 46 -10.39 -27.10 -16.74
N ILE A 47 -10.22 -26.74 -15.47
CA ILE A 47 -9.21 -27.40 -14.64
C ILE A 47 -9.55 -28.87 -14.48
N ARG A 48 -10.81 -29.17 -14.14
CA ARG A 48 -11.22 -30.53 -13.88
C ARG A 48 -11.16 -31.38 -15.15
N ALA A 49 -11.33 -30.76 -16.32
CA ALA A 49 -11.13 -31.48 -17.57
C ALA A 49 -9.68 -31.89 -17.79
N GLY A 50 -8.76 -31.46 -16.92
CA GLY A 50 -7.36 -31.84 -17.06
C GLY A 50 -6.61 -31.11 -18.15
N LEU A 51 -7.02 -29.88 -18.48
CA LEU A 51 -6.48 -29.18 -19.63
C LEU A 51 -5.22 -28.38 -19.32
N ILE A 52 -4.93 -28.11 -18.04
CA ILE A 52 -3.78 -27.27 -17.71
C ILE A 52 -2.46 -27.88 -18.16
N PRO A 53 -2.18 -29.18 -17.91
CA PRO A 53 -0.91 -29.73 -18.43
C PRO A 53 -0.80 -29.66 -19.93
N LYS A 54 -1.91 -29.80 -20.65
CA LYS A 54 -1.89 -29.66 -22.11
C LYS A 54 -1.54 -28.23 -22.51
N PHE A 55 -2.17 -27.24 -21.87
CA PHE A 55 -1.84 -25.84 -22.13
C PHE A 55 -0.37 -25.58 -21.86
N VAL A 56 0.14 -26.07 -20.72
CA VAL A 56 1.55 -25.87 -20.38
C VAL A 56 2.44 -26.50 -21.43
N SER A 57 2.08 -27.69 -21.91
CA SER A 57 2.84 -28.34 -22.97
C SER A 57 2.85 -27.48 -24.23
N PHE A 58 1.73 -26.84 -24.54
CA PHE A 58 1.65 -26.00 -25.74
C PHE A 58 2.55 -24.78 -25.64
N LEU A 59 2.85 -24.33 -24.41
CA LEU A 59 3.74 -23.18 -24.25
C LEU A 59 5.12 -23.43 -24.84
N GLY A 60 5.55 -24.68 -24.90
CA GLY A 60 6.85 -25.04 -25.42
C GLY A 60 6.92 -25.28 -26.91
N LYS A 61 5.81 -25.10 -27.64
CA LYS A 61 5.78 -25.35 -29.08
C LYS A 61 6.24 -24.09 -29.81
N THR A 62 7.57 -23.93 -29.85
CA THR A 62 8.16 -22.76 -30.49
C THR A 62 7.87 -22.70 -31.98
N ASP A 63 7.61 -23.84 -32.61
CA ASP A 63 7.30 -23.86 -34.04
C ASP A 63 5.88 -23.40 -34.35
N CYS A 64 5.01 -23.30 -33.34
CA CYS A 64 3.63 -22.84 -33.51
C CYS A 64 3.37 -21.71 -32.50
N SER A 65 3.86 -20.53 -32.84
CA SER A 65 3.65 -19.38 -31.96
C SER A 65 2.19 -19.07 -31.66
N PRO A 66 1.22 -19.26 -32.57
CA PRO A 66 -0.18 -18.97 -32.18
C PRO A 66 -0.70 -19.83 -31.04
N ILE A 67 -0.32 -21.11 -30.98
CA ILE A 67 -0.78 -21.94 -29.87
C ILE A 67 -0.03 -21.63 -28.58
N GLN A 68 1.22 -21.12 -28.67
CA GLN A 68 1.88 -20.59 -27.49
C GLN A 68 1.10 -19.42 -26.92
N PHE A 69 0.66 -18.51 -27.79
CA PHE A 69 -0.06 -17.33 -27.34
C PHE A 69 -1.41 -17.70 -26.74
N GLU A 70 -2.18 -18.55 -27.43
CA GLU A 70 -3.52 -18.90 -26.98
C GLU A 70 -3.46 -19.64 -25.64
N SER A 71 -2.52 -20.56 -25.50
CA SER A 71 -2.40 -21.29 -24.24
C SER A 71 -1.88 -20.40 -23.12
N ALA A 72 -0.97 -19.47 -23.43
CA ALA A 72 -0.50 -18.53 -22.42
C ALA A 72 -1.63 -17.63 -21.93
N TRP A 73 -2.47 -17.16 -22.86
CA TRP A 73 -3.62 -16.35 -22.48
C TRP A 73 -4.62 -17.16 -21.64
N ALA A 74 -4.90 -18.39 -22.04
CA ALA A 74 -5.81 -19.24 -21.27
C ALA A 74 -5.29 -19.47 -19.87
N LEU A 75 -3.98 -19.76 -19.74
CA LEU A 75 -3.40 -20.00 -18.43
C LEU A 75 -3.32 -18.73 -17.60
N THR A 76 -3.12 -17.59 -18.24
CA THR A 76 -3.11 -16.32 -17.52
C THR A 76 -4.44 -16.08 -16.81
N ASN A 77 -5.55 -16.37 -17.49
CA ASN A 77 -6.86 -16.08 -16.92
C ASN A 77 -7.24 -17.11 -15.85
N ILE A 78 -6.77 -18.35 -15.97
CA ILE A 78 -6.92 -19.31 -14.88
C ILE A 78 -6.12 -18.85 -13.67
N ALA A 79 -4.87 -18.45 -13.90
CA ALA A 79 -3.99 -18.01 -12.81
C ALA A 79 -4.49 -16.73 -12.16
N SER A 80 -5.34 -15.96 -12.83
CA SER A 80 -5.90 -14.74 -12.26
C SER A 80 -7.06 -15.00 -11.29
N GLY A 81 -7.41 -16.27 -11.05
CA GLY A 81 -8.54 -16.57 -10.20
C GLY A 81 -8.19 -16.76 -8.73
N THR A 82 -8.77 -17.77 -8.11
CA THR A 82 -8.51 -18.03 -6.70
C THR A 82 -7.10 -18.62 -6.51
N SER A 83 -6.69 -18.71 -5.25
CA SER A 83 -5.40 -19.32 -4.93
C SER A 83 -5.36 -20.78 -5.38
N GLU A 84 -6.49 -21.50 -5.23
CA GLU A 84 -6.56 -22.87 -5.70
C GLU A 84 -6.43 -22.94 -7.22
N GLN A 85 -6.99 -21.97 -7.92
CA GLN A 85 -6.89 -21.94 -9.38
C GLN A 85 -5.49 -21.54 -9.83
N THR A 86 -4.88 -20.57 -9.15
CA THR A 86 -3.48 -20.25 -9.41
C THR A 86 -2.57 -21.44 -9.11
N LYS A 87 -2.85 -22.14 -8.01
CA LYS A 87 -2.05 -23.31 -7.65
C LYS A 87 -2.12 -24.39 -8.73
N ALA A 88 -3.30 -24.57 -9.34
CA ALA A 88 -3.44 -25.56 -10.41
C ALA A 88 -2.50 -25.22 -11.58
N VAL A 89 -2.37 -23.93 -11.89
CA VAL A 89 -1.46 -23.51 -12.96
C VAL A 89 -0.02 -23.81 -12.57
N VAL A 90 0.37 -23.44 -11.35
CA VAL A 90 1.72 -23.72 -10.87
C VAL A 90 1.98 -25.21 -10.84
N ASP A 91 1.01 -25.98 -10.32
CA ASP A 91 1.18 -27.43 -10.23
C ASP A 91 1.34 -28.08 -11.60
N GLY A 92 0.84 -27.43 -12.66
CA GLY A 92 1.05 -27.91 -14.01
C GLY A 92 2.42 -27.63 -14.59
N GLY A 93 3.33 -27.06 -13.81
CA GLY A 93 4.65 -26.76 -14.30
C GLY A 93 4.76 -25.49 -15.12
N ALA A 94 3.85 -24.55 -14.94
CA ALA A 94 3.78 -23.38 -15.81
C ALA A 94 4.86 -22.34 -15.53
N ILE A 95 5.43 -22.31 -14.32
CA ILE A 95 6.40 -21.27 -13.99
C ILE A 95 7.64 -21.32 -14.88
N PRO A 96 8.37 -22.44 -14.99
CA PRO A 96 9.55 -22.44 -15.88
C PRO A 96 9.16 -22.29 -17.35
N ALA A 97 7.99 -22.78 -17.74
CA ALA A 97 7.54 -22.61 -19.12
C ALA A 97 7.29 -21.14 -19.45
N PHE A 98 6.69 -20.39 -18.52
CA PHE A 98 6.44 -18.98 -18.76
C PHE A 98 7.72 -18.16 -18.73
N ILE A 99 8.67 -18.53 -17.88
CA ILE A 99 9.94 -17.82 -17.84
C ILE A 99 10.71 -18.02 -19.15
N SER A 100 10.62 -19.23 -19.72
CA SER A 100 11.23 -19.46 -21.03
C SER A 100 10.58 -18.61 -22.11
N LEU A 101 9.28 -18.33 -21.98
CA LEU A 101 8.57 -17.52 -22.95
C LEU A 101 8.92 -16.03 -22.85
N LEU A 102 9.56 -15.60 -21.77
CA LEU A 102 10.01 -14.22 -21.68
C LEU A 102 11.04 -13.88 -22.75
N ALA A 103 11.74 -14.87 -23.28
CA ALA A 103 12.72 -14.67 -24.34
C ALA A 103 12.12 -14.80 -25.73
N SER A 104 10.80 -14.87 -25.84
CA SER A 104 10.17 -15.08 -27.13
C SER A 104 10.40 -13.87 -28.03
N PRO A 105 10.66 -14.08 -29.32
CA PRO A 105 10.78 -12.94 -30.24
C PRO A 105 9.45 -12.27 -30.53
N HIS A 106 8.34 -12.90 -30.18
CA HIS A 106 7.01 -12.33 -30.40
C HIS A 106 6.63 -11.52 -29.17
N ALA A 107 6.43 -10.21 -29.36
CA ALA A 107 6.19 -9.31 -28.23
C ALA A 107 4.90 -9.68 -27.50
N HIS A 108 3.85 -10.02 -28.24
CA HIS A 108 2.58 -10.35 -27.61
C HIS A 108 2.65 -11.66 -26.81
N ILE A 109 3.63 -12.51 -27.09
CA ILE A 109 3.77 -13.76 -26.35
C ILE A 109 4.57 -13.54 -25.07
N SER A 110 5.70 -12.86 -25.17
CA SER A 110 6.48 -12.54 -23.98
C SER A 110 5.67 -11.66 -23.01
N GLU A 111 4.83 -10.77 -23.54
CA GLU A 111 3.97 -9.97 -22.69
C GLU A 111 2.98 -10.85 -21.93
N GLN A 112 2.43 -11.87 -22.59
CA GLN A 112 1.51 -12.78 -21.92
C GLN A 112 2.22 -13.55 -20.82
N ALA A 113 3.49 -13.92 -21.04
CA ALA A 113 4.26 -14.59 -20.00
C ALA A 113 4.53 -13.66 -18.82
N VAL A 114 4.82 -12.38 -19.10
CA VAL A 114 4.93 -11.38 -18.04
C VAL A 114 3.64 -11.33 -17.24
N TRP A 115 2.51 -11.23 -17.93
CA TRP A 115 1.21 -11.15 -17.29
C TRP A 115 0.94 -12.37 -16.41
N ALA A 116 1.23 -13.56 -16.94
CA ALA A 116 0.95 -14.79 -16.20
C ALA A 116 1.80 -14.88 -14.95
N LEU A 117 3.08 -14.55 -15.05
CA LEU A 117 3.96 -14.58 -13.88
C LEU A 117 3.55 -13.55 -12.83
N GLY A 118 3.00 -12.41 -13.27
CA GLY A 118 2.48 -11.45 -12.31
C GLY A 118 1.30 -11.98 -11.53
N ASN A 119 0.40 -12.70 -12.19
CA ASN A 119 -0.72 -13.32 -11.49
C ASN A 119 -0.24 -14.37 -10.51
N ILE A 120 0.75 -15.18 -10.91
CA ILE A 120 1.27 -16.22 -10.03
C ILE A 120 1.99 -15.62 -8.83
N ALA A 121 2.91 -14.69 -9.10
CA ALA A 121 3.63 -14.04 -8.01
C ALA A 121 2.69 -13.25 -7.11
N GLY A 122 1.62 -12.69 -7.66
CA GLY A 122 0.67 -11.92 -6.88
C GLY A 122 -0.20 -12.73 -5.95
N ASP A 123 -0.15 -14.06 -6.04
CA ASP A 123 -0.97 -14.89 -5.16
C ASP A 123 -0.52 -14.81 -3.72
N GLY A 124 0.77 -14.68 -3.48
CA GLY A 124 1.28 -14.66 -2.13
C GLY A 124 2.78 -14.83 -2.12
N SER A 125 3.34 -14.76 -0.91
CA SER A 125 4.80 -14.78 -0.77
C SER A 125 5.40 -16.10 -1.22
N ALA A 126 4.67 -17.21 -1.04
CA ALA A 126 5.21 -18.52 -1.41
C ALA A 126 5.42 -18.60 -2.91
N PHE A 127 4.37 -18.35 -3.69
CA PHE A 127 4.51 -18.38 -5.15
C PHE A 127 5.40 -17.25 -5.65
N ARG A 128 5.37 -16.10 -4.99
CA ARG A 128 6.30 -15.02 -5.33
C ARG A 128 7.74 -15.49 -5.23
N ASP A 129 8.11 -16.11 -4.11
CA ASP A 129 9.47 -16.58 -3.93
C ASP A 129 9.78 -17.77 -4.83
N LEU A 130 8.77 -18.55 -5.20
CA LEU A 130 9.00 -19.67 -6.13
C LEU A 130 9.28 -19.16 -7.54
N VAL A 131 8.54 -18.13 -7.97
CA VAL A 131 8.82 -17.50 -9.25
C VAL A 131 10.25 -16.94 -9.27
N ILE A 132 10.68 -16.35 -8.15
CA ILE A 132 12.03 -15.82 -8.07
C ILE A 132 13.06 -16.94 -8.12
N LYS A 133 12.79 -18.05 -7.43
CA LYS A 133 13.72 -19.17 -7.42
C LYS A 133 13.88 -19.79 -8.81
N HIS A 134 12.80 -19.79 -9.60
CA HIS A 134 12.90 -20.27 -10.97
C HIS A 134 13.66 -19.30 -11.88
N GLY A 135 14.07 -18.14 -11.37
CA GLY A 135 14.95 -17.25 -12.10
C GLY A 135 14.25 -16.26 -13.00
N ALA A 136 13.12 -15.71 -12.55
CA ALA A 136 12.33 -14.85 -13.42
C ALA A 136 12.87 -13.42 -13.50
N ILE A 137 13.63 -12.99 -12.50
CA ILE A 137 13.97 -11.57 -12.38
C ILE A 137 14.91 -11.14 -13.51
N ASP A 138 15.95 -11.92 -13.78
CA ASP A 138 16.90 -11.55 -14.83
C ASP A 138 16.22 -11.35 -16.19
N PRO A 139 15.43 -12.30 -16.72
CA PRO A 139 14.79 -12.04 -18.02
C PRO A 139 13.73 -10.95 -17.97
N LEU A 140 13.07 -10.75 -16.83
CA LEU A 140 12.10 -9.66 -16.72
C LEU A 140 12.79 -8.30 -16.81
N LEU A 141 13.86 -8.11 -16.03
CA LEU A 141 14.60 -6.86 -16.08
C LEU A 141 15.29 -6.65 -17.42
N ALA A 142 15.66 -7.74 -18.11
CA ALA A 142 16.28 -7.61 -19.42
C ALA A 142 15.32 -7.03 -20.44
N LEU A 143 14.01 -7.24 -20.28
CA LEU A 143 13.04 -6.63 -21.18
C LEU A 143 12.97 -5.12 -21.01
N LEU A 144 13.45 -4.59 -19.89
CA LEU A 144 13.46 -3.15 -19.63
C LEU A 144 14.83 -2.53 -19.83
N ALA A 145 15.80 -3.29 -20.37
CA ALA A 145 17.16 -2.81 -20.56
C ALA A 145 17.26 -2.07 -21.89
N VAL A 146 16.58 -0.93 -21.95
CA VAL A 146 16.63 -0.07 -23.14
C VAL A 146 17.08 1.32 -22.72
N PRO A 147 17.71 2.09 -23.61
CA PRO A 147 18.12 3.45 -23.25
C PRO A 147 16.96 4.33 -22.82
N ASP A 148 15.80 4.18 -23.45
CA ASP A 148 14.67 5.05 -23.17
C ASP A 148 13.41 4.19 -23.09
N LEU A 149 12.76 4.19 -21.93
CA LEU A 149 11.54 3.42 -21.74
C LEU A 149 10.43 3.83 -22.69
N SER A 150 10.49 5.05 -23.24
CA SER A 150 9.43 5.55 -24.10
C SER A 150 9.35 4.78 -25.43
N THR A 151 10.41 4.08 -25.82
CA THR A 151 10.38 3.29 -27.03
C THR A 151 9.58 1.99 -26.88
N LEU A 152 9.30 1.57 -25.66
CA LEU A 152 8.54 0.36 -25.42
C LEU A 152 7.06 0.62 -25.60
N ALA A 153 6.33 -0.41 -26.05
CA ALA A 153 4.88 -0.31 -26.14
C ALA A 153 4.29 -0.03 -24.77
N CYS A 154 3.31 0.87 -24.73
CA CYS A 154 2.79 1.37 -23.46
C CYS A 154 2.16 0.25 -22.63
N GLY A 155 1.27 -0.54 -23.24
CA GLY A 155 0.66 -1.64 -22.51
C GLY A 155 1.69 -2.67 -22.06
N TYR A 156 2.72 -2.90 -22.88
CA TYR A 156 3.79 -3.81 -22.53
C TYR A 156 4.54 -3.33 -21.29
N LEU A 157 4.89 -2.04 -21.26
CA LEU A 157 5.60 -1.48 -20.11
C LEU A 157 4.73 -1.50 -18.86
N ARG A 158 3.43 -1.25 -19.01
CA ARG A 158 2.52 -1.27 -17.86
C ARG A 158 2.44 -2.67 -17.26
N ASN A 159 2.42 -3.70 -18.10
CA ASN A 159 2.34 -5.06 -17.59
C ASN A 159 3.63 -5.46 -16.88
N LEU A 160 4.78 -5.06 -17.42
CA LEU A 160 6.05 -5.35 -16.77
C LEU A 160 6.15 -4.66 -15.42
N THR A 161 5.74 -3.39 -15.34
CA THR A 161 5.76 -2.67 -14.08
C THR A 161 4.85 -3.34 -13.05
N TRP A 162 3.65 -3.75 -13.47
CA TRP A 162 2.72 -4.39 -12.55
C TRP A 162 3.29 -5.71 -12.04
N THR A 163 3.85 -6.52 -12.93
CA THR A 163 4.42 -7.80 -12.52
C THR A 163 5.60 -7.59 -11.57
N LEU A 164 6.45 -6.59 -11.84
CA LEU A 164 7.54 -6.28 -10.95
C LEU A 164 7.03 -5.87 -9.57
N SER A 165 5.91 -5.16 -9.53
CA SER A 165 5.34 -4.75 -8.24
C SER A 165 4.83 -5.93 -7.44
N ASN A 166 4.32 -6.97 -8.11
CA ASN A 166 3.88 -8.16 -7.40
C ASN A 166 5.06 -8.96 -6.87
N LEU A 167 6.23 -8.86 -7.52
CA LEU A 167 7.43 -9.47 -6.98
C LEU A 167 7.94 -8.73 -5.74
N CYS A 168 7.54 -7.47 -5.56
CA CYS A 168 7.86 -6.70 -4.37
C CYS A 168 6.80 -6.82 -3.28
N ARG A 169 5.67 -7.46 -3.59
CA ARG A 169 4.49 -7.45 -2.74
C ARG A 169 4.54 -8.54 -1.69
N ASN A 170 3.78 -8.32 -0.61
CA ASN A 170 3.48 -9.28 0.46
C ASN A 170 4.59 -9.38 1.50
N LYS A 171 4.21 -9.77 2.72
CA LYS A 171 5.12 -9.90 3.84
C LYS A 171 4.97 -11.30 4.43
N ASN A 172 5.73 -11.57 5.50
CA ASN A 172 5.79 -12.85 6.18
C ASN A 172 5.98 -14.01 5.20
N PRO A 173 7.15 -14.09 4.52
CA PRO A 173 8.25 -13.13 4.62
C PRO A 173 8.18 -12.04 3.55
N ALA A 174 8.90 -10.96 3.77
CA ALA A 174 9.14 -9.98 2.72
C ALA A 174 9.99 -10.61 1.62
N PRO A 175 10.03 -10.01 0.43
CA PRO A 175 10.82 -10.59 -0.65
C PRO A 175 12.27 -10.73 -0.27
N PRO A 176 12.99 -11.67 -0.89
CA PRO A 176 14.42 -11.85 -0.56
C PRO A 176 15.19 -10.55 -0.75
N LEU A 177 16.09 -10.27 0.19
CA LEU A 177 16.86 -9.03 0.17
C LEU A 177 17.60 -8.85 -1.15
N ASP A 178 18.20 -9.92 -1.67
CA ASP A 178 18.97 -9.81 -2.90
C ASP A 178 18.08 -9.61 -4.11
N ALA A 179 16.84 -10.13 -4.07
CA ALA A 179 15.90 -9.85 -5.15
C ALA A 179 15.46 -8.40 -5.14
N VAL A 180 15.26 -7.82 -3.94
CA VAL A 180 14.89 -6.42 -3.84
C VAL A 180 16.01 -5.53 -4.36
N GLU A 181 17.26 -5.84 -3.99
CA GLU A 181 18.39 -5.06 -4.49
C GLU A 181 18.51 -5.17 -6.00
N GLN A 182 18.19 -6.34 -6.55
CA GLN A 182 18.27 -6.54 -7.99
C GLN A 182 17.21 -5.74 -8.74
N ILE A 183 16.03 -5.57 -8.14
CA ILE A 183 14.90 -4.94 -8.81
C ILE A 183 14.94 -3.42 -8.66
N LEU A 184 15.38 -2.94 -7.50
CA LEU A 184 15.24 -1.52 -7.13
C LEU A 184 15.75 -0.54 -8.19
N PRO A 185 16.93 -0.71 -8.80
CA PRO A 185 17.37 0.29 -9.79
C PRO A 185 16.42 0.43 -10.98
N THR A 186 15.75 -0.65 -11.37
CA THR A 186 14.75 -0.55 -12.42
C THR A 186 13.48 0.12 -11.91
N LEU A 187 13.09 -0.16 -10.67
CA LEU A 187 11.95 0.51 -10.05
C LEU A 187 12.17 2.02 -10.02
N VAL A 188 13.36 2.46 -9.59
CA VAL A 188 13.67 3.88 -9.53
C VAL A 188 13.50 4.52 -10.90
N ARG A 189 13.92 3.83 -11.95
CA ARG A 189 13.78 4.37 -13.30
C ARG A 189 12.32 4.42 -13.73
N LEU A 190 11.55 3.37 -13.42
CA LEU A 190 10.12 3.39 -13.73
C LEU A 190 9.41 4.50 -12.96
N LEU A 191 9.91 4.83 -11.76
CA LEU A 191 9.33 5.90 -10.96
C LEU A 191 9.49 7.28 -11.61
N HIS A 192 10.37 7.40 -12.60
CA HIS A 192 10.57 8.65 -13.33
C HIS A 192 9.94 8.63 -14.72
N HIS A 193 9.29 7.53 -15.09
CA HIS A 193 8.58 7.46 -16.36
C HIS A 193 7.32 8.31 -16.31
N ASN A 194 6.83 8.70 -17.49
CA ASN A 194 5.75 9.69 -17.57
C ASN A 194 4.39 9.06 -17.86
N ASP A 195 4.23 7.74 -17.64
CA ASP A 195 2.92 7.15 -17.82
C ASP A 195 2.21 7.02 -16.48
N PRO A 196 0.97 7.50 -16.37
CA PRO A 196 0.29 7.49 -15.06
C PRO A 196 0.15 6.11 -14.44
N GLU A 197 -0.07 5.08 -15.24
CA GLU A 197 -0.24 3.75 -14.71
C GLU A 197 1.09 3.13 -14.30
N VAL A 198 2.14 3.39 -15.07
CA VAL A 198 3.49 2.96 -14.67
C VAL A 198 3.87 3.64 -13.37
N LEU A 199 3.53 4.93 -13.23
CA LEU A 199 3.86 5.67 -12.01
C LEU A 199 3.11 5.12 -10.81
N ALA A 200 1.82 4.79 -10.99
CA ALA A 200 1.03 4.27 -9.88
C ALA A 200 1.57 2.93 -9.41
N ASP A 201 1.83 2.01 -10.35
CA ASP A 201 2.30 0.68 -9.96
C ASP A 201 3.73 0.71 -9.46
N SER A 202 4.55 1.65 -9.94
CA SER A 202 5.88 1.85 -9.38
C SER A 202 5.79 2.33 -7.94
N CYS A 203 4.86 3.25 -7.66
CA CYS A 203 4.65 3.72 -6.30
C CYS A 203 4.15 2.60 -5.40
N TRP A 204 3.25 1.76 -5.92
CA TRP A 204 2.77 0.61 -5.16
C TRP A 204 3.92 -0.31 -4.79
N ALA A 205 4.81 -0.59 -5.74
CA ALA A 205 5.97 -1.43 -5.47
C ALA A 205 6.83 -0.83 -4.37
N ILE A 206 7.09 0.48 -4.43
CA ILE A 206 7.87 1.14 -3.39
C ILE A 206 7.15 1.09 -2.05
N SER A 207 5.83 1.23 -2.07
CA SER A 207 5.05 1.17 -0.83
C SER A 207 5.17 -0.20 -0.18
N TYR A 208 5.19 -1.26 -0.99
CA TYR A 208 5.41 -2.61 -0.46
C TYR A 208 6.78 -2.72 0.18
N LEU A 209 7.82 -2.24 -0.53
CA LEU A 209 9.19 -2.42 -0.06
C LEU A 209 9.48 -1.63 1.21
N THR A 210 8.79 -0.51 1.41
CA THR A 210 8.97 0.28 2.63
C THR A 210 8.07 -0.19 3.77
N ASP A 211 7.20 -1.17 3.53
CA ASP A 211 6.32 -1.70 4.57
C ASP A 211 7.07 -2.81 5.31
N GLY A 212 7.98 -2.41 6.18
CA GLY A 212 8.75 -3.33 6.97
C GLY A 212 9.66 -2.64 7.96
N PRO A 213 10.67 -3.36 8.44
CA PRO A 213 11.60 -2.77 9.42
C PRO A 213 12.50 -1.74 8.77
N ASN A 214 13.25 -1.04 9.62
CA ASN A 214 14.06 0.08 9.16
C ASN A 214 15.06 -0.32 8.10
N GLU A 215 15.56 -1.56 8.14
CA GLU A 215 16.54 -2.00 7.15
C GLU A 215 15.93 -2.05 5.76
N ARG A 216 14.66 -2.48 5.66
CA ARG A 216 13.97 -2.47 4.37
C ARG A 216 13.74 -1.04 3.90
N ILE A 217 13.27 -0.17 4.81
CA ILE A 217 13.08 1.24 4.48
C ILE A 217 14.39 1.85 3.99
N GLU A 218 15.50 1.51 4.64
CA GLU A 218 16.78 2.11 4.32
C GLU A 218 17.23 1.75 2.92
N MET A 219 16.96 0.51 2.48
CA MET A 219 17.30 0.10 1.11
C MET A 219 16.65 1.03 0.09
N VAL A 220 15.42 1.44 0.34
CA VAL A 220 14.70 2.32 -0.59
C VAL A 220 15.21 3.74 -0.48
N VAL A 221 15.34 4.25 0.75
CA VAL A 221 15.71 5.65 0.96
C VAL A 221 17.08 5.94 0.39
N LYS A 222 18.01 5.00 0.50
CA LYS A 222 19.37 5.23 0.01
C LYS A 222 19.44 5.27 -1.51
N LYS A 223 18.44 4.72 -2.21
CA LYS A 223 18.37 4.90 -3.65
C LYS A 223 17.99 6.33 -4.04
N GLY A 224 17.62 7.18 -3.08
CA GLY A 224 17.36 8.58 -3.37
C GLY A 224 16.01 8.87 -3.99
N VAL A 225 15.00 8.03 -3.72
CA VAL A 225 13.71 8.17 -4.36
C VAL A 225 12.74 9.06 -3.59
N VAL A 226 13.05 9.41 -2.34
CA VAL A 226 12.12 10.22 -1.53
C VAL A 226 11.72 11.51 -2.24
N PRO A 227 12.64 12.29 -2.83
CA PRO A 227 12.18 13.49 -3.54
C PRO A 227 11.20 13.20 -4.67
N GLN A 228 11.41 12.13 -5.43
CA GLN A 228 10.47 11.78 -6.48
C GLN A 228 9.13 11.33 -5.89
N LEU A 229 9.16 10.61 -4.77
CA LEU A 229 7.92 10.24 -4.09
C LEU A 229 7.15 11.47 -3.66
N VAL A 230 7.85 12.49 -3.15
CA VAL A 230 7.19 13.72 -2.72
C VAL A 230 6.58 14.44 -3.91
N LYS A 231 7.28 14.44 -5.05
CA LYS A 231 6.72 15.03 -6.26
C LYS A 231 5.45 14.31 -6.68
N LEU A 232 5.45 12.98 -6.63
CA LEU A 232 4.27 12.21 -6.96
C LEU A 232 3.16 12.37 -5.92
N LEU A 233 3.53 12.72 -4.68
CA LEU A 233 2.53 13.08 -3.67
C LEU A 233 1.63 14.21 -4.15
N GLY A 234 2.16 15.13 -4.95
CA GLY A 234 1.42 16.25 -5.47
C GLY A 234 0.73 16.02 -6.80
N ALA A 235 0.74 14.79 -7.31
CA ALA A 235 0.08 14.50 -8.57
C ALA A 235 -1.42 14.75 -8.47
N THR A 236 -2.04 15.04 -9.60
CA THR A 236 -3.49 15.19 -9.63
C THR A 236 -4.21 13.86 -9.68
N GLU A 237 -3.53 12.80 -10.13
CA GLU A 237 -4.15 11.48 -10.25
C GLU A 237 -4.19 10.82 -8.87
N LEU A 238 -5.38 10.60 -8.35
CA LEU A 238 -5.55 9.84 -7.12
C LEU A 238 -4.89 8.46 -7.16
N PRO A 239 -4.92 7.69 -8.26
CA PRO A 239 -4.22 6.39 -8.26
C PRO A 239 -2.72 6.50 -8.11
N ILE A 240 -2.13 7.69 -8.25
CA ILE A 240 -0.72 7.92 -7.96
C ILE A 240 -0.51 8.42 -6.55
N VAL A 241 -1.36 9.34 -6.09
CA VAL A 241 -1.22 9.91 -4.75
C VAL A 241 -1.36 8.83 -3.68
N THR A 242 -2.30 7.91 -3.87
CA THR A 242 -2.56 6.90 -2.84
C THR A 242 -1.34 6.03 -2.55
N PRO A 243 -0.69 5.39 -3.52
CA PRO A 243 0.50 4.60 -3.19
C PRO A 243 1.70 5.47 -2.84
N ALA A 244 1.84 6.65 -3.43
CA ALA A 244 2.92 7.55 -3.04
C ALA A 244 2.80 7.94 -1.58
N LEU A 245 1.58 8.24 -1.11
CA LEU A 245 1.37 8.59 0.28
C LEU A 245 1.61 7.40 1.20
N ARG A 246 1.18 6.20 0.78
CA ARG A 246 1.44 5.01 1.58
C ARG A 246 2.93 4.77 1.76
N ALA A 247 3.72 5.02 0.71
CA ALA A 247 5.16 4.85 0.80
C ALA A 247 5.78 5.89 1.72
N ILE A 248 5.38 7.16 1.57
CA ILE A 248 5.87 8.22 2.46
C ILE A 248 5.52 7.89 3.90
N GLY A 249 4.28 7.46 4.15
CA GLY A 249 3.89 7.11 5.50
C GLY A 249 4.67 5.94 6.06
N ASN A 250 4.95 4.94 5.23
CA ASN A 250 5.77 3.82 5.67
C ASN A 250 7.16 4.28 6.06
N ILE A 251 7.74 5.20 5.29
CA ILE A 251 9.12 5.64 5.53
C ILE A 251 9.23 6.34 6.87
N VAL A 252 8.22 7.15 7.22
CA VAL A 252 8.26 7.90 8.48
C VAL A 252 7.92 7.05 9.69
N THR A 253 7.62 5.76 9.50
CA THR A 253 7.59 4.84 10.63
C THR A 253 8.99 4.39 11.04
N GLY A 254 10.02 4.74 10.27
CA GLY A 254 11.37 4.32 10.57
C GLY A 254 12.10 5.24 11.53
N THR A 255 13.39 5.47 11.29
CA THR A 255 14.21 6.26 12.20
C THR A 255 13.93 7.75 12.01
N ASP A 256 14.37 8.54 12.99
CA ASP A 256 14.29 9.98 12.88
C ASP A 256 15.06 10.50 11.67
N GLU A 257 16.17 9.83 11.32
CA GLU A 257 16.95 10.23 10.17
C GLU A 257 16.20 9.95 8.87
N GLN A 258 15.51 8.80 8.80
CA GLN A 258 14.72 8.50 7.62
C GLN A 258 13.51 9.43 7.52
N THR A 259 12.88 9.73 8.64
CA THR A 259 11.80 10.72 8.67
C THR A 259 12.29 12.08 8.17
N GLN A 260 13.53 12.45 8.52
CA GLN A 260 14.07 13.74 8.12
C GLN A 260 14.24 13.84 6.61
N LYS A 261 14.56 12.73 5.94
CA LYS A 261 14.65 12.75 4.49
C LYS A 261 13.31 13.13 3.86
N VAL A 262 12.21 12.64 4.44
CA VAL A 262 10.87 13.00 3.96
C VAL A 262 10.64 14.50 4.15
N ILE A 263 10.98 15.01 5.33
CA ILE A 263 10.81 16.43 5.62
C ILE A 263 11.70 17.27 4.71
N ASP A 264 12.98 16.88 4.60
CA ASP A 264 13.92 17.62 3.77
C ASP A 264 13.46 17.70 2.32
N ALA A 265 12.79 16.65 1.83
CA ALA A 265 12.32 16.63 0.46
C ALA A 265 11.12 17.55 0.23
N GLY A 266 10.57 18.15 1.27
CA GLY A 266 9.46 19.07 1.12
C GLY A 266 8.07 18.47 1.23
N ALA A 267 7.93 17.32 1.90
CA ALA A 267 6.65 16.63 1.90
C ALA A 267 5.60 17.40 2.67
N LEU A 268 5.99 18.11 3.73
CA LEU A 268 5.02 18.77 4.59
C LEU A 268 4.24 19.85 3.84
N ALA A 269 4.82 20.42 2.78
CA ALA A 269 4.11 21.45 2.02
C ALA A 269 2.90 20.90 1.28
N VAL A 270 2.84 19.59 1.06
CA VAL A 270 1.69 18.98 0.39
C VAL A 270 0.54 18.68 1.35
N PHE A 271 0.81 18.64 2.66
CA PHE A 271 -0.16 18.15 3.63
C PHE A 271 -1.34 19.08 3.92
N PRO A 272 -1.27 20.40 3.64
CA PRO A 272 -2.52 21.17 3.67
C PRO A 272 -3.59 20.59 2.76
N SER A 273 -3.21 20.15 1.56
CA SER A 273 -4.17 19.54 0.65
C SER A 273 -4.52 18.12 1.09
N LEU A 274 -3.52 17.35 1.53
CA LEU A 274 -3.77 15.95 1.89
C LEU A 274 -4.68 15.85 3.11
N LEU A 275 -4.50 16.73 4.09
CA LEU A 275 -5.29 16.69 5.31
C LEU A 275 -6.71 17.21 5.12
N THR A 276 -7.00 17.80 3.96
CA THR A 276 -8.37 18.20 3.60
C THR A 276 -8.85 17.49 2.35
N ASN A 277 -8.20 16.40 1.96
CA ASN A 277 -8.51 15.72 0.70
C ASN A 277 -9.93 15.15 0.76
N PRO A 278 -10.71 15.26 -0.33
CA PRO A 278 -12.07 14.73 -0.30
C PRO A 278 -12.14 13.21 -0.14
N LYS A 279 -11.09 12.49 -0.47
CA LYS A 279 -11.07 11.04 -0.30
C LYS A 279 -10.73 10.70 1.14
N THR A 280 -11.65 10.02 1.83
CA THR A 280 -11.48 9.71 3.24
C THR A 280 -10.17 8.97 3.51
N ASN A 281 -9.82 8.03 2.64
CA ASN A 281 -8.61 7.23 2.84
C ASN A 281 -7.36 8.10 2.79
N ILE A 282 -7.36 9.15 1.96
CA ILE A 282 -6.19 10.02 1.88
C ILE A 282 -6.01 10.80 3.18
N GLN A 283 -7.10 11.37 3.70
CA GLN A 283 -7.03 12.09 4.98
C GLN A 283 -6.55 11.17 6.09
N LYS A 284 -7.07 9.94 6.15
CA LYS A 284 -6.68 9.01 7.20
C LYS A 284 -5.20 8.68 7.09
N GLU A 285 -4.73 8.36 5.88
CA GLU A 285 -3.31 8.04 5.68
C GLU A 285 -2.44 9.25 5.98
N ALA A 286 -2.86 10.43 5.52
CA ALA A 286 -2.07 11.63 5.75
C ALA A 286 -2.00 11.97 7.23
N THR A 287 -3.10 11.77 7.96
CA THR A 287 -3.11 12.06 9.39
C THR A 287 -2.31 11.03 10.17
N TRP A 288 -2.38 9.75 9.77
CA TRP A 288 -1.52 8.74 10.35
C TRP A 288 -0.05 9.08 10.13
N THR A 289 0.29 9.53 8.93
CA THR A 289 1.66 9.96 8.65
C THR A 289 2.06 11.12 9.55
N MET A 290 1.17 12.09 9.73
CA MET A 290 1.48 13.23 10.60
C MET A 290 1.73 12.76 12.03
N SER A 291 0.99 11.76 12.49
CA SER A 291 1.16 11.27 13.86
C SER A 291 2.53 10.64 14.07
N ASN A 292 3.08 9.99 13.04
CA ASN A 292 4.41 9.44 13.13
C ASN A 292 5.49 10.51 12.97
N ILE A 293 5.16 11.65 12.38
CA ILE A 293 6.10 12.76 12.32
C ILE A 293 6.11 13.53 13.63
N THR A 294 4.95 13.71 14.26
CA THR A 294 4.89 14.34 15.58
C THR A 294 5.40 13.43 16.68
N ALA A 295 5.65 12.15 16.40
CA ALA A 295 6.36 11.27 17.31
C ALA A 295 7.87 11.37 17.14
N GLY A 296 8.35 12.29 16.32
CA GLY A 296 9.77 12.45 16.09
C GLY A 296 10.41 13.46 17.03
N ARG A 297 11.51 14.04 16.56
CA ARG A 297 12.28 14.97 17.37
C ARG A 297 11.59 16.33 17.45
N GLN A 298 12.03 17.13 18.42
CA GLN A 298 11.42 18.45 18.63
C GLN A 298 11.66 19.37 17.44
N ASP A 299 12.80 19.22 16.75
CA ASP A 299 13.04 20.00 15.54
C ASP A 299 12.15 19.54 14.38
N GLN A 300 11.66 18.30 14.43
CA GLN A 300 10.73 17.82 13.42
C GLN A 300 9.30 18.26 13.74
N ILE A 301 8.94 18.25 15.03
CA ILE A 301 7.69 18.88 15.46
C ILE A 301 7.66 20.35 15.05
N GLN A 302 8.82 21.01 15.12
CA GLN A 302 8.90 22.44 14.78
C GLN A 302 8.64 22.66 13.29
N GLN A 303 9.11 21.74 12.45
CA GLN A 303 8.83 21.84 11.01
C GLN A 303 7.34 21.71 10.74
N VAL A 304 6.66 20.83 11.48
CA VAL A 304 5.20 20.75 11.39
C VAL A 304 4.57 22.09 11.75
N VAL A 305 5.10 22.73 12.79
CA VAL A 305 4.59 24.04 13.19
C VAL A 305 4.83 25.06 12.09
N ASN A 306 6.07 25.13 11.59
CA ASN A 306 6.43 26.15 10.60
C ASN A 306 5.62 26.01 9.33
N HIS A 307 5.28 24.78 8.93
CA HIS A 307 4.49 24.57 7.74
C HIS A 307 3.00 24.86 7.97
N GLY A 308 2.62 25.36 9.14
CA GLY A 308 1.24 25.70 9.40
C GLY A 308 0.31 24.51 9.49
N LEU A 309 0.81 23.35 9.90
CA LEU A 309 0.03 22.12 9.89
C LEU A 309 -0.73 21.87 11.18
N VAL A 310 -0.42 22.58 12.27
CA VAL A 310 -1.18 22.42 13.50
C VAL A 310 -2.64 22.83 13.32
N PRO A 311 -2.98 23.97 12.70
CA PRO A 311 -4.41 24.24 12.44
C PRO A 311 -5.09 23.17 11.61
N PHE A 312 -4.37 22.54 10.69
CA PHE A 312 -4.95 21.45 9.91
C PHE A 312 -5.17 20.21 10.78
N LEU A 313 -4.33 20.00 11.80
CA LEU A 313 -4.58 18.92 12.74
C LEU A 313 -5.76 19.26 13.65
N VAL A 314 -5.89 20.52 14.04
CA VAL A 314 -7.09 20.96 14.74
C VAL A 314 -8.32 20.72 13.88
N GLY A 315 -8.20 20.94 12.57
CA GLY A 315 -9.35 20.79 11.69
C GLY A 315 -9.82 19.35 11.60
N VAL A 316 -8.90 18.41 11.39
CA VAL A 316 -9.30 17.01 11.27
C VAL A 316 -9.81 16.48 12.60
N LEU A 317 -9.24 16.95 13.72
CA LEU A 317 -9.77 16.56 15.02
C LEU A 317 -11.19 17.09 15.20
N SER A 318 -11.48 18.27 14.65
CA SER A 318 -12.80 18.86 14.81
C SER A 318 -13.83 18.15 13.91
N LYS A 319 -13.45 17.86 12.66
CA LYS A 319 -14.38 17.22 11.74
C LYS A 319 -13.60 16.35 10.76
N ALA A 320 -13.90 15.06 10.77
CA ALA A 320 -13.36 14.07 9.84
C ALA A 320 -14.09 12.77 10.11
N ASP A 321 -13.85 11.78 9.24
CA ASP A 321 -14.33 10.45 9.57
C ASP A 321 -13.63 9.96 10.83
N PHE A 322 -14.33 9.16 11.61
CA PHE A 322 -13.87 8.84 12.97
C PHE A 322 -12.49 8.20 12.96
N LYS A 323 -12.21 7.34 11.99
CA LYS A 323 -10.89 6.70 11.94
C LYS A 323 -9.79 7.72 11.66
N THR A 324 -10.12 8.80 10.94
CA THR A 324 -9.16 9.90 10.76
C THR A 324 -9.00 10.69 12.06
N GLN A 325 -10.11 10.97 12.75
CA GLN A 325 -10.04 11.67 14.02
C GLN A 325 -9.22 10.90 15.05
N LYS A 326 -9.25 9.57 14.97
CA LYS A 326 -8.43 8.75 15.88
C LYS A 326 -6.95 8.93 15.59
N GLU A 327 -6.57 8.99 14.32
CA GLU A 327 -5.18 9.26 13.97
C GLU A 327 -4.78 10.67 14.40
N ALA A 328 -5.70 11.63 14.27
CA ALA A 328 -5.42 12.98 14.74
C ALA A 328 -5.18 13.01 16.24
N ALA A 329 -5.97 12.24 17.00
CA ALA A 329 -5.74 12.13 18.43
C ALA A 329 -4.33 11.62 18.73
N TRP A 330 -3.91 10.59 17.99
CA TRP A 330 -2.55 10.08 18.15
C TRP A 330 -1.51 11.15 17.82
N ALA A 331 -1.76 11.92 16.75
CA ALA A 331 -0.83 12.98 16.37
C ALA A 331 -0.68 14.01 17.48
N ILE A 332 -1.77 14.29 18.20
CA ILE A 332 -1.71 15.27 19.27
C ILE A 332 -0.98 14.70 20.49
N THR A 333 -1.29 13.45 20.85
CA THR A 333 -0.65 12.83 22.00
C THR A 333 0.86 12.69 21.77
N ASN A 334 1.25 12.26 20.57
CA ASN A 334 2.67 12.21 20.24
C ASN A 334 3.28 13.61 20.28
N TYR A 335 2.58 14.60 19.73
CA TYR A 335 3.04 15.99 19.75
C TYR A 335 3.31 16.45 21.18
N THR A 336 2.33 16.27 22.07
CA THR A 336 2.47 16.72 23.45
C THR A 336 3.47 15.88 24.24
N SER A 337 3.69 14.63 23.82
CA SER A 337 4.64 13.77 24.52
C SER A 337 6.08 14.20 24.25
N GLY A 338 6.39 14.56 23.00
CA GLY A 338 7.75 14.88 22.64
C GLY A 338 8.05 16.35 22.46
N GLY A 339 7.03 17.20 22.50
CA GLY A 339 7.23 18.60 22.19
C GLY A 339 7.67 19.43 23.38
N THR A 340 8.26 20.58 23.07
CA THR A 340 8.65 21.54 24.09
C THR A 340 7.42 22.19 24.72
N VAL A 341 7.65 22.94 25.80
CA VAL A 341 6.57 23.69 26.44
C VAL A 341 5.99 24.70 25.45
N GLU A 342 6.85 25.41 24.72
CA GLU A 342 6.40 26.44 23.79
C GLU A 342 5.58 25.84 22.66
N GLN A 343 6.01 24.68 22.14
CA GLN A 343 5.24 24.02 21.09
C GLN A 343 3.87 23.58 21.59
N ILE A 344 3.81 23.11 22.85
CA ILE A 344 2.54 22.66 23.41
C ILE A 344 1.62 23.85 23.66
N VAL A 345 2.20 24.98 24.12
CA VAL A 345 1.42 26.20 24.30
C VAL A 345 0.79 26.63 22.98
N TYR A 346 1.60 26.64 21.91
CA TYR A 346 1.10 26.98 20.58
C TYR A 346 -0.05 26.08 20.17
N LEU A 347 0.02 24.80 20.54
CA LEU A 347 -1.04 23.85 20.21
C LEU A 347 -2.36 24.26 20.86
N VAL A 348 -2.31 24.65 22.13
CA VAL A 348 -3.52 25.13 22.81
C VAL A 348 -4.02 26.41 22.15
N HIS A 349 -3.10 27.30 21.78
CA HIS A 349 -3.47 28.57 21.17
C HIS A 349 -4.19 28.36 19.84
N CYS A 350 -3.87 27.29 19.13
CA CYS A 350 -4.55 26.97 17.89
C CYS A 350 -5.93 26.37 18.11
N GLY A 351 -6.32 26.11 19.35
CA GLY A 351 -7.67 25.66 19.65
C GLY A 351 -7.84 24.15 19.72
N ILE A 352 -6.83 23.45 20.25
CA ILE A 352 -6.90 21.99 20.28
C ILE A 352 -7.83 21.47 21.37
N ILE A 353 -8.11 22.27 22.40
CA ILE A 353 -8.74 21.74 23.61
C ILE A 353 -10.18 21.32 23.33
N GLU A 354 -10.98 22.21 22.73
CA GLU A 354 -12.39 21.91 22.54
C GLU A 354 -12.62 20.68 21.65
N PRO A 355 -11.99 20.54 20.48
CA PRO A 355 -12.20 19.29 19.71
C PRO A 355 -11.64 18.07 20.42
N LEU A 356 -10.58 18.24 21.22
CA LEU A 356 -10.09 17.13 22.04
C LEU A 356 -11.17 16.67 23.02
N MET A 357 -11.80 17.62 23.72
CA MET A 357 -12.82 17.26 24.70
C MET A 357 -14.03 16.62 24.03
N ASN A 358 -14.44 17.14 22.87
CA ASN A 358 -15.62 16.62 22.18
C ASN A 358 -15.47 15.15 21.83
N LEU A 359 -14.23 14.70 21.59
CA LEU A 359 -13.98 13.32 21.19
C LEU A 359 -13.95 12.36 22.37
N LEU A 360 -14.05 12.86 23.60
CA LEU A 360 -14.24 11.99 24.75
C LEU A 360 -15.64 11.39 24.79
N SER A 361 -16.58 11.92 24.00
CA SER A 361 -17.89 11.33 23.78
C SER A 361 -17.83 10.01 23.03
N ALA A 362 -16.69 9.69 22.41
CA ALA A 362 -16.63 8.57 21.48
C ALA A 362 -16.63 7.24 22.22
N LYS A 363 -17.36 6.28 21.66
CA LYS A 363 -17.43 4.92 22.19
C LYS A 363 -16.28 4.06 21.67
N ASP A 364 -15.07 4.58 21.84
CA ASP A 364 -13.84 3.88 21.47
C ASP A 364 -12.88 4.03 22.62
N THR A 365 -12.62 2.93 23.34
CA THR A 365 -11.88 3.05 24.59
C THR A 365 -10.43 3.42 24.36
N LYS A 366 -9.87 3.12 23.17
CA LYS A 366 -8.47 3.46 22.97
C LYS A 366 -8.27 4.95 22.68
N ILE A 367 -9.16 5.58 21.91
CA ILE A 367 -8.97 7.01 21.66
C ILE A 367 -9.17 7.81 22.94
N ILE A 368 -10.01 7.32 23.86
CA ILE A 368 -10.17 7.98 25.15
C ILE A 368 -8.86 7.95 25.91
N GLN A 369 -8.21 6.77 25.97
CA GLN A 369 -6.90 6.67 26.59
C GLN A 369 -5.91 7.61 25.92
N VAL A 370 -5.94 7.67 24.59
CA VAL A 370 -5.04 8.55 23.85
C VAL A 370 -5.28 10.01 24.23
N ILE A 371 -6.56 10.40 24.31
CA ILE A 371 -6.89 11.79 24.59
C ILE A 371 -6.55 12.15 26.03
N LEU A 372 -6.87 11.27 26.97
CA LEU A 372 -6.55 11.51 28.37
C LEU A 372 -5.04 11.69 28.55
N ASP A 373 -4.25 10.91 27.81
CA ASP A 373 -2.80 11.07 27.85
C ASP A 373 -2.39 12.45 27.38
N ALA A 374 -2.97 12.92 26.28
CA ALA A 374 -2.63 14.25 25.76
C ALA A 374 -2.99 15.34 26.76
N ILE A 375 -4.15 15.22 27.41
CA ILE A 375 -4.56 16.19 28.42
C ILE A 375 -3.52 16.23 29.55
N SER A 376 -3.10 15.05 30.02
CA SER A 376 -2.08 14.99 31.04
C SER A 376 -0.79 15.68 30.58
N ASN A 377 -0.39 15.41 29.33
CA ASN A 377 0.83 16.02 28.80
C ASN A 377 0.71 17.54 28.72
N ILE A 378 -0.47 18.04 28.35
CA ILE A 378 -0.68 19.48 28.26
C ILE A 378 -0.66 20.11 29.65
N PHE A 379 -1.27 19.43 30.63
CA PHE A 379 -1.26 19.93 32.00
C PHE A 379 0.16 19.97 32.56
N GLN A 380 0.98 18.96 32.23
CA GLN A 380 2.36 18.94 32.69
C GLN A 380 3.13 20.16 32.19
N ALA A 381 2.86 20.57 30.95
CA ALA A 381 3.46 21.80 30.44
C ALA A 381 2.86 23.04 31.09
N ALA A 382 1.58 22.97 31.48
CA ALA A 382 0.97 24.08 32.20
C ALA A 382 1.50 24.18 33.63
N GLU A 383 1.90 23.05 34.22
CA GLU A 383 2.53 23.09 35.54
C GLU A 383 3.85 23.84 35.50
N LYS A 384 4.67 23.58 34.48
CA LYS A 384 5.94 24.28 34.30
C LYS A 384 5.74 25.78 34.09
N LEU A 385 4.53 26.22 33.77
CA LEU A 385 4.22 27.63 33.65
C LEU A 385 3.39 28.16 34.82
N GLY A 386 2.94 27.29 35.72
CA GLY A 386 2.03 27.73 36.75
C GLY A 386 0.68 28.14 36.22
N GLU A 387 0.28 27.58 35.09
CA GLU A 387 -0.92 28.01 34.38
C GLU A 387 -1.95 26.88 34.27
N THR A 388 -1.93 25.94 35.22
CA THR A 388 -2.90 24.84 35.24
C THR A 388 -4.31 25.32 35.54
N GLU A 389 -4.47 26.44 36.26
CA GLU A 389 -5.80 26.96 36.55
C GLU A 389 -6.50 27.41 35.28
N LYS A 390 -5.78 28.14 34.43
CA LYS A 390 -6.30 28.66 33.16
C LYS A 390 -6.70 27.52 32.23
N LEU A 391 -5.91 26.45 32.20
CA LEU A 391 -6.26 25.29 31.41
C LEU A 391 -7.48 24.58 31.99
N SER A 392 -7.54 24.44 33.32
CA SER A 392 -8.71 23.84 33.96
C SER A 392 -9.98 24.59 33.61
N ILE A 393 -9.90 25.93 33.56
CA ILE A 393 -11.07 26.73 33.19
C ILE A 393 -11.44 26.47 31.73
N MET A 394 -10.44 26.45 30.85
CA MET A 394 -10.68 26.17 29.44
C MET A 394 -11.40 24.84 29.24
N ILE A 395 -10.94 23.80 29.94
CA ILE A 395 -11.52 22.48 29.77
C ILE A 395 -12.96 22.44 30.27
N GLU A 396 -13.23 23.12 31.39
CA GLU A 396 -14.59 23.14 31.91
C GLU A 396 -15.51 23.99 31.06
N GLU A 397 -15.00 25.11 30.53
CA GLU A 397 -15.84 26.03 29.77
C GLU A 397 -16.40 25.41 28.51
N CYS A 398 -15.67 24.45 27.92
CA CYS A 398 -16.13 23.77 26.71
C CYS A 398 -16.83 22.45 27.02
N GLY A 399 -17.13 22.18 28.29
CA GLY A 399 -17.78 20.95 28.68
C GLY A 399 -16.87 19.76 28.86
N GLY A 400 -15.55 19.96 28.91
CA GLY A 400 -14.64 18.83 28.98
C GLY A 400 -14.63 18.16 30.34
N LEU A 401 -14.73 18.95 31.41
CA LEU A 401 -14.67 18.37 32.75
C LEU A 401 -15.91 17.51 33.01
N ASP A 402 -17.08 17.92 32.52
CA ASP A 402 -18.25 17.07 32.60
C ASP A 402 -17.98 15.70 31.98
N LYS A 403 -17.27 15.68 30.85
CA LYS A 403 -16.97 14.42 30.19
C LYS A 403 -15.91 13.63 30.94
N ILE A 404 -14.87 14.31 31.43
CA ILE A 404 -13.81 13.61 32.17
C ILE A 404 -14.38 12.96 33.42
N GLU A 405 -15.31 13.63 34.09
CA GLU A 405 -15.92 13.10 35.30
C GLU A 405 -16.92 11.99 35.02
N ALA A 406 -17.58 12.03 33.86
CA ALA A 406 -18.37 10.89 33.44
C ALA A 406 -17.49 9.66 33.20
N LEU A 407 -16.25 9.89 32.74
CA LEU A 407 -15.30 8.81 32.50
C LEU A 407 -14.76 8.19 33.79
N GLN A 408 -15.05 8.78 34.94
CA GLN A 408 -14.69 8.14 36.20
C GLN A 408 -15.50 6.87 36.46
N ARG A 409 -16.71 6.81 35.91
CA ARG A 409 -17.55 5.62 35.97
C ARG A 409 -17.41 4.75 34.73
N HIS A 410 -16.34 4.95 33.94
CA HIS A 410 -16.13 4.15 32.75
C HIS A 410 -15.74 2.73 33.12
N GLU A 411 -16.05 1.79 32.21
CA GLU A 411 -15.84 0.38 32.47
C GLU A 411 -14.37 -0.01 32.37
N ASN A 412 -13.72 0.39 31.28
CA ASN A 412 -12.32 0.07 31.07
C ASN A 412 -11.46 0.75 32.12
N GLU A 413 -10.41 0.05 32.54
CA GLU A 413 -9.72 0.39 33.78
C GLU A 413 -8.92 1.70 33.63
N SER A 414 -7.97 1.75 32.69
CA SER A 414 -7.07 2.91 32.65
C SER A 414 -7.77 4.17 32.17
N VAL A 415 -8.99 4.05 31.63
CA VAL A 415 -9.82 5.21 31.38
C VAL A 415 -10.19 5.88 32.70
N TYR A 416 -10.74 5.11 33.65
CA TYR A 416 -11.23 5.76 34.85
C TYR A 416 -10.13 6.04 35.87
N LYS A 417 -9.05 5.25 35.91
CA LYS A 417 -7.93 5.65 36.76
C LYS A 417 -7.39 7.00 36.32
N ALA A 418 -7.11 7.14 35.02
CA ALA A 418 -6.53 8.38 34.51
C ALA A 418 -7.49 9.55 34.67
N SER A 419 -8.79 9.30 34.57
CA SER A 419 -9.76 10.41 34.66
C SER A 419 -9.95 10.89 36.09
N LEU A 420 -9.79 10.01 37.08
CA LEU A 420 -9.80 10.47 38.46
C LEU A 420 -8.52 11.23 38.80
N ASN A 421 -7.37 10.76 38.31
CA ASN A 421 -6.11 11.45 38.56
C ASN A 421 -6.16 12.88 38.02
N LEU A 422 -6.79 13.08 36.87
CA LEU A 422 -6.91 14.43 36.33
C LEU A 422 -7.73 15.32 37.26
N ILE A 423 -8.88 14.83 37.72
CA ILE A 423 -9.77 15.63 38.53
C ILE A 423 -9.22 15.79 39.94
N GLU A 424 -8.70 14.71 40.50
CA GLU A 424 -8.11 14.78 41.83
C GLU A 424 -7.01 15.82 41.88
N LYS A 425 -6.28 16.01 40.78
CA LYS A 425 -5.08 16.83 40.78
C LYS A 425 -5.29 18.24 40.25
N TYR A 426 -6.17 18.43 39.26
CA TYR A 426 -6.34 19.73 38.63
C TYR A 426 -7.74 20.31 38.78
N PHE A 427 -8.73 19.51 39.18
CA PHE A 427 -10.10 19.97 39.30
C PHE A 427 -10.62 19.82 40.72
N SER A 428 -9.72 19.70 41.69
CA SER A 428 -10.08 19.49 43.09
C SER A 428 -9.48 20.58 43.96
N GLU B 1 5.31 6.77 20.62
CA GLU B 1 6.31 6.38 19.65
C GLU B 1 5.69 6.19 18.26
N LYS B 2 6.50 5.79 17.29
CA LYS B 2 6.01 5.54 15.95
C LYS B 2 5.06 4.34 15.96
N ARG B 3 4.06 4.39 15.10
CA ARG B 3 3.11 3.28 14.96
C ARG B 3 3.10 2.77 13.54
N PRO B 4 3.67 1.60 13.28
CA PRO B 4 3.60 1.01 11.93
C PRO B 4 2.16 0.74 11.53
N ARG B 5 1.96 0.53 10.24
CA ARG B 5 0.62 0.45 9.69
C ARG B 5 -0.04 -0.90 9.99
N SER B 6 -1.34 -0.86 10.23
CA SER B 6 -2.09 -2.08 10.52
C SER B 6 -2.27 -2.90 9.24
N PRO B 7 -2.40 -4.24 9.36
CA PRO B 7 -2.44 -5.12 8.19
C PRO B 7 -3.71 -4.94 7.35
N SEP B 8 -4.78 -4.51 8.00
CA SEP B 8 -6.05 -4.25 7.35
CB SEP B 8 -7.12 -3.97 8.40
OG SEP B 8 -6.48 -3.48 9.57
C SEP B 8 -5.95 -3.08 6.36
O SEP B 8 -5.08 -2.22 6.49
P SEP B 8 -7.47 -3.32 10.82
O1P SEP B 8 -7.85 -1.76 10.98
O2P SEP B 8 -8.81 -4.19 10.59
O3P SEP B 8 -6.72 -3.82 12.16
N GLU C 1 -2.93 -8.36 -6.02
CA GLU C 1 -3.77 -8.10 -7.18
C GLU C 1 -3.48 -9.09 -8.31
N LYS C 2 -4.54 -9.70 -8.83
CA LYS C 2 -4.49 -10.53 -10.02
C LYS C 2 -5.33 -9.86 -11.11
N ARG C 3 -4.90 -10.03 -12.36
CA ARG C 3 -5.56 -9.39 -13.50
C ARG C 3 -5.87 -10.44 -14.56
N PRO C 4 -7.13 -10.61 -14.94
CA PRO C 4 -7.44 -11.40 -16.14
C PRO C 4 -7.32 -10.54 -17.39
N ARG C 5 -7.01 -11.20 -18.50
CA ARG C 5 -6.99 -10.54 -19.81
C ARG C 5 -8.33 -10.81 -20.49
N SER C 6 -9.13 -9.77 -20.63
CA SER C 6 -10.46 -9.89 -21.22
C SER C 6 -10.40 -9.70 -22.74
#